data_5YPO
#
_entry.id   5YPO
#
_cell.length_a   33.776
_cell.length_b   84.063
_cell.length_c   165.123
_cell.angle_alpha   90.00
_cell.angle_beta   90.00
_cell.angle_gamma   90.00
#
_symmetry.space_group_name_H-M   'P 21 21 21'
#
loop_
_entity.id
_entity.type
_entity.pdbx_description
1 polymer 'Disks large homolog 4'
2 polymer SAPAP
3 non-polymer GLYCEROL
4 water water
#
loop_
_entity_poly.entity_id
_entity_poly.type
_entity_poly.pdbx_seq_one_letter_code
_entity_poly.pdbx_strand_id
1 'polypeptide(L)'
;GPGSEFVHYARPIIILGPTKDRANDDLLSEFPDKFGSCVPHTTRPKREYEIDGRDYHFVSSREKMEKDIQAHKFIEAGQY
NSHLYGTSVQSVREVAEQGKHCILDVSANAVRRLQAAHLHPIAIFIRPRSLENVLEINKRITEEQARKAFDRATKLEQEF
TECFSAIVEGDSFEEIYHKVKRVIEDLSG
;
B,A
2 'polypeptide(L)' AARRE(SEP)YLKATQPSL C,D
#
# COMPACT_ATOMS: atom_id res chain seq x y z
N VAL A 7 12.05 1.53 35.62
CA VAL A 7 12.38 1.90 34.25
C VAL A 7 12.32 3.43 34.09
N HIS A 8 13.27 3.98 33.35
CA HIS A 8 13.36 5.42 33.17
C HIS A 8 12.72 5.85 31.87
N TYR A 9 11.99 6.95 31.91
CA TYR A 9 11.40 7.53 30.73
C TYR A 9 12.50 7.84 29.69
N ALA A 10 12.24 7.49 28.43
CA ALA A 10 13.13 7.88 27.32
C ALA A 10 12.40 8.85 26.41
N ARG A 11 13.08 9.92 26.03
CA ARG A 11 12.42 10.94 25.23
C ARG A 11 12.14 10.40 23.84
N PRO A 12 10.96 10.70 23.28
CA PRO A 12 10.67 10.32 21.89
C PRO A 12 11.46 11.19 20.92
N ILE A 13 11.65 10.66 19.73
CA ILE A 13 12.52 11.24 18.72
C ILE A 13 11.70 11.58 17.49
N ILE A 14 11.88 12.78 16.97
CA ILE A 14 11.38 13.17 15.66
C ILE A 14 12.55 13.71 14.87
N ILE A 15 12.96 12.97 13.84
CA ILE A 15 13.99 13.44 12.91
C ILE A 15 13.30 14.00 11.67
N LEU A 16 13.81 15.12 11.18
CA LEU A 16 13.24 15.82 10.04
C LEU A 16 14.37 16.25 9.13
N GLY A 17 14.01 16.53 7.87
CA GLY A 17 14.98 16.87 6.85
C GLY A 17 15.29 15.74 5.90
N PRO A 18 16.13 16.00 4.90
CA PRO A 18 16.56 14.96 3.97
C PRO A 18 17.25 13.83 4.69
N THR A 19 16.94 12.59 4.26
CA THR A 19 17.47 11.29 4.73
C THR A 19 16.98 10.92 6.13
N LYS A 20 16.00 11.63 6.70
CA LYS A 20 15.51 11.28 8.03
C LYS A 20 14.96 9.85 8.09
N ASP A 21 14.38 9.35 7.00
CA ASP A 21 13.80 8.01 7.06
C ASP A 21 14.89 6.95 7.11
N ARG A 22 15.98 7.15 6.37
CA ARG A 22 17.10 6.24 6.46
C ARG A 22 17.70 6.27 7.87
N ALA A 23 17.83 7.46 8.46
CA ALA A 23 18.31 7.58 9.83
C ALA A 23 17.38 6.89 10.83
N ASN A 24 16.06 6.98 10.61
CA ASN A 24 15.09 6.30 11.48
C ASN A 24 15.27 4.79 11.42
N ASP A 25 15.26 4.23 10.20
CA ASP A 25 15.42 2.79 10.01
C ASP A 25 16.71 2.30 10.64
N ASP A 26 17.77 3.11 10.53
CA ASP A 26 19.08 2.67 10.98
C ASP A 26 19.12 2.59 12.50
N LEU A 27 18.56 3.59 13.19
CA LEU A 27 18.57 3.55 14.64
C LEU A 27 17.81 2.33 15.15
N LEU A 28 16.67 2.03 14.51
CA LEU A 28 15.88 0.89 14.95
C LEU A 28 16.60 -0.42 14.70
N SER A 29 17.29 -0.55 13.57
CA SER A 29 17.88 -1.84 13.25
C SER A 29 19.20 -2.05 13.98
N GLU A 30 19.89 -0.98 14.37
CA GLU A 30 21.16 -1.07 15.08
C GLU A 30 20.96 -1.26 16.58
N PHE A 31 20.07 -0.49 17.19
CA PHE A 31 19.91 -0.45 18.64
C PHE A 31 18.46 -0.78 19.02
N PRO A 32 18.01 -2.01 18.73
CA PRO A 32 16.63 -2.36 19.09
C PRO A 32 16.38 -2.33 20.58
N ASP A 33 17.42 -2.34 21.42
CA ASP A 33 17.21 -2.22 22.85
C ASP A 33 16.96 -0.79 23.31
N LYS A 34 17.31 0.23 22.51
CA LYS A 34 17.08 1.60 22.93
C LYS A 34 16.06 2.36 22.08
N PHE A 35 15.72 1.84 20.90
CA PHE A 35 14.82 2.52 19.97
C PHE A 35 13.64 1.63 19.63
N GLY A 36 12.44 2.20 19.70
CA GLY A 36 11.23 1.49 19.37
C GLY A 36 10.30 2.36 18.54
N SER A 37 9.20 1.75 18.13
CA SER A 37 8.18 2.36 17.29
C SER A 37 6.83 2.24 17.98
N CYS A 38 5.92 3.14 17.64
CA CYS A 38 4.52 2.98 18.02
C CYS A 38 3.69 2.86 16.74
N VAL A 39 2.41 2.57 16.90
CA VAL A 39 1.51 2.21 15.81
C VAL A 39 0.42 3.27 15.72
N PRO A 40 0.11 3.77 14.53
CA PRO A 40 -0.95 4.80 14.39
C PRO A 40 -2.35 4.18 14.49
N HIS A 41 -3.32 5.07 14.65
CA HIS A 41 -4.74 4.75 14.69
C HIS A 41 -5.38 5.06 13.35
N THR A 42 -6.41 4.29 13.00
CA THR A 42 -7.25 4.65 11.87
C THR A 42 -8.67 4.17 12.10
N THR A 43 -9.64 4.94 11.58
CA THR A 43 -11.03 4.50 11.50
C THR A 43 -11.34 3.73 10.22
N ARG A 44 -10.43 3.73 9.25
CA ARG A 44 -10.61 2.88 8.09
C ARG A 44 -10.80 1.43 8.56
N PRO A 45 -11.73 0.68 7.98
CA PRO A 45 -11.92 -0.70 8.42
C PRO A 45 -10.71 -1.54 8.07
N LYS A 46 -10.50 -2.55 8.90
CA LYS A 46 -9.33 -3.42 8.77
C LYS A 46 -9.53 -4.34 7.58
N ARG A 47 -8.49 -4.47 6.76
CA ARG A 47 -8.46 -5.50 5.73
C ARG A 47 -8.15 -6.85 6.36
N GLU A 48 -8.67 -7.92 5.74
CA GLU A 48 -8.54 -9.26 6.29
C GLU A 48 -7.11 -9.57 6.70
N TYR A 49 -6.15 -9.24 5.86
CA TYR A 49 -4.77 -9.60 6.12
C TYR A 49 -4.10 -8.68 7.14
N GLU A 50 -4.66 -7.50 7.40
CA GLU A 50 -4.07 -6.59 8.35
C GLU A 50 -4.26 -7.10 9.78
N ILE A 51 -3.44 -6.60 10.70
CA ILE A 51 -3.39 -7.08 12.08
C ILE A 51 -3.49 -5.90 13.03
N ASP A 52 -4.57 -5.85 13.80
CA ASP A 52 -4.79 -4.80 14.78
C ASP A 52 -3.66 -4.79 15.81
N GLY A 53 -3.17 -3.58 16.14
CA GLY A 53 -2.02 -3.43 16.98
C GLY A 53 -0.70 -3.59 16.27
N ARG A 54 -0.71 -3.92 14.98
CA ARG A 54 0.51 -4.09 14.21
C ARG A 54 0.53 -3.17 13.01
N ASP A 55 -0.47 -3.27 12.13
CA ASP A 55 -0.59 -2.33 11.02
C ASP A 55 -1.18 -1.00 11.50
N TYR A 56 -2.29 -1.06 12.23
CA TYR A 56 -2.87 0.10 12.88
C TYR A 56 -3.53 -0.39 14.15
N HIS A 57 -3.88 0.56 15.03
CA HIS A 57 -4.95 0.35 15.99
C HIS A 57 -6.23 0.73 15.28
N PHE A 58 -7.02 -0.26 14.90
CA PHE A 58 -8.24 -0.02 14.16
C PHE A 58 -9.34 0.44 15.13
N VAL A 59 -9.91 1.59 14.85
CA VAL A 59 -10.95 2.18 15.69
C VAL A 59 -12.31 1.95 15.02
N SER A 60 -13.26 1.41 15.76
CA SER A 60 -14.54 1.08 15.15
C SER A 60 -15.49 2.27 15.09
N SER A 61 -15.37 3.23 16.02
CA SER A 61 -16.23 4.40 16.05
C SER A 61 -15.49 5.64 15.58
N ARG A 62 -15.88 6.15 14.42
CA ARG A 62 -15.33 7.42 13.96
C ARG A 62 -15.66 8.55 14.92
N GLU A 63 -16.86 8.54 15.51
CA GLU A 63 -17.19 9.57 16.51
C GLU A 63 -16.22 9.51 17.69
N LYS A 64 -15.90 8.32 18.18
CA LYS A 64 -14.93 8.17 19.26
C LYS A 64 -13.60 8.84 18.89
N MET A 65 -13.08 8.56 17.70
CA MET A 65 -11.80 9.15 17.32
C MET A 65 -11.91 10.66 17.14
N GLU A 66 -13.01 11.13 16.55
CA GLU A 66 -13.24 12.57 16.43
C GLU A 66 -13.22 13.26 17.79
N LYS A 67 -13.86 12.66 18.81
CA LYS A 67 -13.86 13.25 20.15
C LYS A 67 -12.45 13.26 20.74
N ASP A 68 -11.73 12.15 20.58
CA ASP A 68 -10.36 12.10 21.08
C ASP A 68 -9.45 13.12 20.39
N ILE A 69 -9.63 13.32 19.09
CA ILE A 69 -8.85 14.33 18.39
C ILE A 69 -9.12 15.72 18.99
N GLN A 70 -10.40 16.04 19.22
CA GLN A 70 -10.75 17.34 19.77
C GLN A 70 -10.33 17.47 21.24
N ALA A 71 -10.24 16.35 21.99
CA ALA A 71 -9.65 16.39 23.32
C ALA A 71 -8.10 16.30 23.31
N HIS A 72 -7.44 16.57 22.17
CA HIS A 72 -5.97 16.65 22.11
C HIS A 72 -5.28 15.32 22.48
N LYS A 73 -5.91 14.21 22.14
CA LYS A 73 -5.29 12.93 22.41
C LYS A 73 -4.29 12.52 21.31
N PHE A 74 -4.17 13.28 20.23
CA PHE A 74 -3.30 12.94 19.11
C PHE A 74 -2.28 14.04 18.90
N ILE A 75 -1.03 13.63 18.67
CA ILE A 75 0.00 14.59 18.26
C ILE A 75 -0.13 14.93 16.79
N GLU A 76 -0.93 14.18 16.04
CA GLU A 76 -1.01 14.35 14.61
C GLU A 76 -2.26 13.60 14.17
N ALA A 77 -3.03 14.21 13.27
CA ALA A 77 -4.24 13.56 12.82
C ALA A 77 -4.73 14.23 11.55
N GLY A 78 -5.39 13.44 10.71
CA GLY A 78 -5.90 13.95 9.45
C GLY A 78 -6.79 12.93 8.78
N GLN A 79 -7.27 13.29 7.59
CA GLN A 79 -8.26 12.50 6.88
C GLN A 79 -7.72 12.09 5.52
N TYR A 80 -7.99 10.84 5.13
CA TYR A 80 -7.67 10.37 3.80
C TYR A 80 -8.74 9.40 3.35
N ASN A 81 -9.23 9.58 2.12
CA ASN A 81 -10.24 8.68 1.54
C ASN A 81 -11.43 8.55 2.48
N SER A 82 -11.79 9.66 3.13
CA SER A 82 -12.88 9.79 4.09
C SER A 82 -12.68 9.06 5.42
N HIS A 83 -11.48 8.52 5.73
CA HIS A 83 -11.22 7.95 7.05
C HIS A 83 -10.13 8.72 7.79
N LEU A 84 -10.17 8.60 9.12
CA LEU A 84 -9.27 9.33 10.00
C LEU A 84 -8.01 8.51 10.28
N TYR A 85 -6.91 9.22 10.49
CA TYR A 85 -5.58 8.66 10.74
C TYR A 85 -4.90 9.53 11.79
N GLY A 86 -4.16 8.91 12.69
CA GLY A 86 -3.44 9.73 13.65
C GLY A 86 -2.49 8.95 14.52
N THR A 87 -1.50 9.66 15.06
CA THR A 87 -0.60 9.10 16.07
C THR A 87 -1.01 9.64 17.43
N SER A 88 -1.29 8.74 18.36
CA SER A 88 -1.88 9.16 19.62
C SER A 88 -0.80 9.47 20.66
N VAL A 89 -1.11 10.41 21.53
CA VAL A 89 -0.20 10.75 22.64
C VAL A 89 0.15 9.50 23.42
N GLN A 90 -0.88 8.73 23.77
CA GLN A 90 -0.69 7.55 24.61
C GLN A 90 0.23 6.51 23.97
N SER A 91 0.12 6.32 22.63
CA SER A 91 0.99 5.35 21.94
C SER A 91 2.45 5.75 22.07
N VAL A 92 2.74 7.05 21.99
CA VAL A 92 4.11 7.51 22.23
C VAL A 92 4.48 7.29 23.71
N ARG A 93 3.59 7.69 24.62
CA ARG A 93 3.86 7.57 26.05
C ARG A 93 4.21 6.13 26.45
N GLU A 94 3.52 5.15 25.88
CA GLU A 94 3.77 3.76 26.25
C GLU A 94 5.19 3.33 25.89
N VAL A 95 5.67 3.74 24.73
CA VAL A 95 7.02 3.42 24.36
C VAL A 95 8.00 4.14 25.26
N ALA A 96 7.79 5.45 25.45
CA ALA A 96 8.65 6.25 26.32
C ALA A 96 8.72 5.67 27.73
N GLU A 97 7.56 5.25 28.26
CA GLU A 97 7.50 4.71 29.63
C GLU A 97 8.27 3.40 29.77
N GLN A 98 8.38 2.64 28.69
CA GLN A 98 9.19 1.43 28.70
C GLN A 98 10.67 1.73 28.49
N GLY A 99 11.09 2.99 28.55
CA GLY A 99 12.49 3.31 28.46
C GLY A 99 13.11 3.21 27.09
N LYS A 100 12.31 3.23 26.03
CA LYS A 100 12.85 3.25 24.67
C LYS A 100 12.50 4.56 23.99
N HIS A 101 13.47 5.12 23.26
CA HIS A 101 13.21 6.27 22.40
C HIS A 101 12.23 5.84 21.32
N CYS A 102 11.06 6.48 21.27
CA CYS A 102 10.07 6.23 20.21
C CYS A 102 10.50 6.97 18.96
N ILE A 103 10.87 6.23 17.92
CA ILE A 103 11.25 6.84 16.64
C ILE A 103 9.95 7.17 15.90
N LEU A 104 9.63 8.46 15.82
CA LEU A 104 8.37 8.92 15.25
C LEU A 104 8.55 9.37 13.80
N ASP A 105 7.65 8.91 12.94
CA ASP A 105 7.59 9.34 11.56
C ASP A 105 6.33 10.20 11.46
N VAL A 106 6.46 11.45 11.92
CA VAL A 106 5.36 12.40 12.00
C VAL A 106 5.88 13.74 11.49
N SER A 107 4.94 14.64 11.18
CA SER A 107 5.27 15.96 10.66
CA SER A 107 5.36 15.92 10.64
C SER A 107 5.77 16.88 11.76
N ALA A 108 6.42 17.98 11.35
CA ALA A 108 6.97 18.95 12.29
C ALA A 108 5.90 19.54 13.22
N ASN A 109 4.65 19.64 12.78
CA ASN A 109 3.62 20.20 13.65
C ASN A 109 3.42 19.33 14.89
N ALA A 110 3.76 18.03 14.79
CA ALA A 110 3.69 17.16 15.96
C ALA A 110 4.64 17.56 17.07
N VAL A 111 5.73 18.26 16.75
CA VAL A 111 6.72 18.58 17.79
C VAL A 111 6.07 19.42 18.88
N ARG A 112 5.41 20.51 18.50
CA ARG A 112 4.71 21.33 19.48
C ARG A 112 3.64 20.55 20.23
N ARG A 113 2.96 19.61 19.56
CA ARG A 113 1.93 18.87 20.27
C ARG A 113 2.54 17.91 21.30
N LEU A 114 3.67 17.29 20.96
CA LEU A 114 4.37 16.43 21.92
C LEU A 114 4.84 17.23 23.13
N GLN A 115 5.39 18.43 22.90
CA GLN A 115 5.82 19.27 24.00
C GLN A 115 4.64 19.69 24.86
N ALA A 116 3.55 20.11 24.23
CA ALA A 116 2.35 20.47 24.99
C ALA A 116 1.76 19.29 25.75
N ALA A 117 2.02 18.06 25.30
CA ALA A 117 1.58 16.89 26.04
C ALA A 117 2.60 16.45 27.08
N HIS A 118 3.65 17.25 27.30
CA HIS A 118 4.67 17.03 28.31
C HIS A 118 5.56 15.82 28.05
N LEU A 119 5.67 15.38 26.79
CA LEU A 119 6.47 14.20 26.49
C LEU A 119 7.91 14.55 26.15
N HIS A 120 8.27 15.85 26.11
CA HIS A 120 9.68 16.22 26.03
C HIS A 120 10.38 15.58 24.84
N PRO A 121 9.97 15.86 23.59
CA PRO A 121 10.60 15.21 22.45
C PRO A 121 12.02 15.73 22.21
N ILE A 122 12.81 14.90 21.54
CA ILE A 122 14.05 15.30 20.87
C ILE A 122 13.74 15.47 19.40
N ALA A 123 13.79 16.72 18.90
CA ALA A 123 13.51 17.04 17.51
C ALA A 123 14.83 17.40 16.85
N ILE A 124 15.26 16.61 15.86
CA ILE A 124 16.53 16.83 15.17
C ILE A 124 16.27 17.19 13.71
N PHE A 125 16.83 18.31 13.27
CA PHE A 125 16.70 18.75 11.89
C PHE A 125 18.02 18.52 11.17
N ILE A 126 17.97 17.69 10.12
CA ILE A 126 19.08 17.50 9.19
C ILE A 126 18.97 18.60 8.15
N ARG A 127 19.92 19.53 8.17
CA ARG A 127 19.81 20.72 7.34
C ARG A 127 20.71 20.56 6.13
N PRO A 128 20.17 20.51 4.93
CA PRO A 128 21.04 20.48 3.74
C PRO A 128 21.72 21.82 3.55
N ARG A 129 22.98 21.80 3.14
CA ARG A 129 23.71 23.04 2.95
C ARG A 129 23.41 23.71 1.61
N SER A 130 22.84 22.98 0.66
CA SER A 130 22.67 23.42 -0.71
C SER A 130 22.05 22.26 -1.47
N LEU A 131 21.65 22.53 -2.72
CA LEU A 131 21.14 21.46 -3.57
C LEU A 131 22.18 20.36 -3.74
N GLU A 132 23.43 20.75 -4.01
CA GLU A 132 24.50 19.79 -4.20
C GLU A 132 24.71 18.94 -2.95
N ASN A 133 24.66 19.56 -1.77
CA ASN A 133 24.79 18.79 -0.54
C ASN A 133 23.71 17.72 -0.43
N VAL A 134 22.47 18.04 -0.85
CA VAL A 134 21.41 17.03 -0.87
C VAL A 134 21.83 15.83 -1.72
N LEU A 135 22.39 16.11 -2.90
CA LEU A 135 22.87 15.03 -3.77
C LEU A 135 24.06 14.28 -3.16
N GLU A 136 24.88 14.97 -2.34
CA GLU A 136 25.94 14.25 -1.61
C GLU A 136 25.36 13.22 -0.65
N ILE A 137 24.32 13.59 0.11
CA ILE A 137 23.88 12.72 1.21
C ILE A 137 22.78 11.76 0.81
N ASN A 138 22.13 11.97 -0.34
CA ASN A 138 21.14 11.03 -0.89
C ASN A 138 21.51 10.80 -2.34
N LYS A 139 22.11 9.64 -2.63
CA LYS A 139 22.64 9.31 -3.95
C LYS A 139 21.65 8.54 -4.83
N ARG A 140 20.39 8.44 -4.43
CA ARG A 140 19.39 7.65 -5.14
C ARG A 140 18.28 8.51 -5.76
N ILE A 141 18.52 9.80 -5.97
CA ILE A 141 17.44 10.67 -6.40
C ILE A 141 17.88 11.53 -7.57
N THR A 142 16.88 11.96 -8.34
CA THR A 142 17.09 12.88 -9.44
C THR A 142 17.43 14.28 -8.92
N GLU A 143 17.97 15.11 -9.81
CA GLU A 143 18.15 16.52 -9.46
C GLU A 143 16.82 17.16 -9.05
N GLU A 144 15.74 16.84 -9.77
CA GLU A 144 14.44 17.42 -9.44
C GLU A 144 14.04 17.06 -8.02
N GLN A 145 14.11 15.77 -7.68
CA GLN A 145 13.78 15.34 -6.32
C GLN A 145 14.66 16.05 -5.30
N ALA A 146 15.93 16.29 -5.65
CA ALA A 146 16.84 16.94 -4.71
C ALA A 146 16.48 18.42 -4.53
N ARG A 147 16.06 19.08 -5.62
CA ARG A 147 15.62 20.47 -5.50
C ARG A 147 14.33 20.57 -4.67
N LYS A 148 13.39 19.64 -4.87
CA LYS A 148 12.19 19.60 -4.03
C LYS A 148 12.52 19.35 -2.56
N ALA A 149 13.43 18.43 -2.28
CA ALA A 149 13.86 18.18 -0.90
C ALA A 149 14.55 19.40 -0.30
N PHE A 150 15.39 20.06 -1.08
CA PHE A 150 16.09 21.23 -0.57
C PHE A 150 15.09 22.35 -0.26
N ASP A 151 14.12 22.57 -1.15
CA ASP A 151 13.13 23.62 -0.94
C ASP A 151 12.29 23.33 0.31
N ARG A 152 11.73 22.12 0.39
CA ARG A 152 11.04 21.68 1.61
C ARG A 152 11.86 21.91 2.88
N ALA A 153 13.16 21.58 2.85
CA ALA A 153 13.97 21.75 4.06
C ALA A 153 14.15 23.22 4.41
N THR A 154 14.29 24.08 3.40
CA THR A 154 14.36 25.53 3.61
C THR A 154 13.08 26.07 4.23
N LYS A 155 11.93 25.66 3.71
CA LYS A 155 10.67 26.08 4.31
C LYS A 155 10.50 25.49 5.71
N LEU A 156 10.92 24.24 5.91
CA LEU A 156 10.82 23.64 7.24
C LEU A 156 11.61 24.47 8.25
N GLU A 157 12.85 24.83 7.90
CA GLU A 157 13.67 25.57 8.85
C GLU A 157 13.10 26.97 9.09
N GLN A 158 12.68 27.64 8.02
CA GLN A 158 12.11 28.98 8.18
C GLN A 158 10.92 28.95 9.12
N GLU A 159 10.06 27.94 9.01
CA GLU A 159 8.85 27.98 9.81
C GLU A 159 8.96 27.25 11.16
N PHE A 160 9.85 26.25 11.32
CA PHE A 160 9.86 25.47 12.57
C PHE A 160 11.17 25.51 13.35
N THR A 161 12.10 26.39 13.02
CA THR A 161 13.42 26.34 13.65
C THR A 161 13.35 26.48 15.16
N GLU A 162 12.32 27.17 15.68
CA GLU A 162 12.19 27.34 17.13
C GLU A 162 11.92 26.03 17.86
N CYS A 163 11.49 24.98 17.18
CA CYS A 163 11.17 23.73 17.88
CA CYS A 163 11.14 23.71 17.81
C CYS A 163 12.27 22.68 17.81
N PHE A 164 13.42 22.98 17.20
CA PHE A 164 14.49 22.00 17.00
C PHE A 164 15.34 21.80 18.26
N SER A 165 15.57 20.54 18.65
CA SER A 165 16.53 20.23 19.70
C SER A 165 17.97 20.30 19.22
N ALA A 166 18.19 20.09 17.93
CA ALA A 166 19.52 20.02 17.34
C ALA A 166 19.39 20.15 15.84
N ILE A 167 20.39 20.78 15.24
CA ILE A 167 20.52 20.91 13.81
C ILE A 167 21.84 20.27 13.43
N VAL A 168 21.78 19.32 12.50
CA VAL A 168 22.90 18.50 12.11
C VAL A 168 23.17 18.70 10.62
N GLU A 169 24.45 18.71 10.24
CA GLU A 169 24.90 18.87 8.85
C GLU A 169 26.01 17.88 8.55
N GLY A 170 26.28 17.68 7.26
CA GLY A 170 27.40 16.84 6.87
C GLY A 170 27.52 16.69 5.36
N ASP A 171 28.63 16.10 4.94
CA ASP A 171 28.97 15.89 3.54
C ASP A 171 28.58 14.51 3.05
N SER A 172 28.10 13.64 3.93
CA SER A 172 27.66 12.31 3.57
C SER A 172 26.59 11.90 4.57
N PHE A 173 25.82 10.87 4.21
CA PHE A 173 24.86 10.37 5.19
C PHE A 173 25.56 9.77 6.41
N GLU A 174 26.70 9.11 6.21
CA GLU A 174 27.46 8.57 7.34
C GLU A 174 27.80 9.66 8.34
N GLU A 175 28.28 10.81 7.86
CA GLU A 175 28.56 11.90 8.78
C GLU A 175 27.29 12.32 9.53
N ILE A 176 26.20 12.49 8.79
CA ILE A 176 24.94 12.90 9.44
C ILE A 176 24.51 11.85 10.46
N TYR A 177 24.64 10.57 10.10
CA TYR A 177 24.12 9.53 10.98
C TYR A 177 24.93 9.44 12.27
N HIS A 178 26.26 9.52 12.16
CA HIS A 178 27.09 9.55 13.35
C HIS A 178 26.72 10.75 14.24
N LYS A 179 26.55 11.93 13.65
CA LYS A 179 26.13 13.09 14.43
C LYS A 179 24.77 12.89 15.09
N VAL A 180 23.82 12.30 14.36
CA VAL A 180 22.49 12.11 14.93
C VAL A 180 22.57 11.23 16.16
N LYS A 181 23.31 10.11 16.09
CA LYS A 181 23.46 9.23 17.26
C LYS A 181 24.15 9.95 18.41
N ARG A 182 25.23 10.70 18.11
CA ARG A 182 25.91 11.45 19.16
C ARG A 182 25.00 12.51 19.76
N VAL A 183 24.17 13.14 18.94
CA VAL A 183 23.21 14.12 19.44
C VAL A 183 22.25 13.48 20.43
N ILE A 184 21.72 12.31 20.08
CA ILE A 184 20.71 11.69 20.93
C ILE A 184 21.30 11.32 22.29
N GLU A 185 22.52 10.77 22.28
CA GLU A 185 23.20 10.44 23.53
C GLU A 185 23.45 11.69 24.38
N ASP A 186 23.88 12.79 23.76
CA ASP A 186 24.14 14.01 24.53
C ASP A 186 22.86 14.54 25.17
N LEU A 187 21.75 14.55 24.44
CA LEU A 187 20.56 15.17 24.99
C LEU A 187 19.79 14.25 25.92
N SER A 188 20.08 12.94 25.89
CA SER A 188 19.36 12.01 26.76
C SER A 188 19.95 11.93 28.17
N GLY A 189 21.26 12.13 28.32
CA GLY A 189 21.90 11.91 29.61
C GLY A 189 21.60 12.99 30.62
N TYR B 9 -12.87 -25.71 1.23
CA TYR B 9 -13.24 -24.72 0.21
C TYR B 9 -12.03 -23.86 -0.22
N ALA B 10 -11.72 -23.87 -1.53
CA ALA B 10 -10.51 -23.25 -2.05
C ALA B 10 -10.85 -21.86 -2.58
N ARG B 11 -10.38 -20.84 -1.88
CA ARG B 11 -10.78 -19.48 -2.20
C ARG B 11 -10.21 -19.06 -3.56
N PRO B 12 -11.02 -18.47 -4.43
CA PRO B 12 -10.47 -17.94 -5.68
C PRO B 12 -9.56 -16.74 -5.39
N ILE B 13 -8.68 -16.48 -6.35
CA ILE B 13 -7.64 -15.46 -6.25
C ILE B 13 -7.88 -14.38 -7.29
N ILE B 14 -7.84 -13.11 -6.87
CA ILE B 14 -7.82 -11.97 -7.78
C ILE B 14 -6.68 -11.03 -7.38
N ILE B 15 -5.64 -10.96 -8.20
CA ILE B 15 -4.51 -10.07 -8.01
C ILE B 15 -4.65 -8.91 -8.99
N LEU B 16 -4.61 -7.70 -8.48
CA LEU B 16 -4.73 -6.53 -9.32
C LEU B 16 -3.52 -5.63 -9.11
N GLY B 17 -3.21 -4.84 -10.13
CA GLY B 17 -2.11 -3.90 -10.07
C GLY B 17 -0.95 -4.32 -10.94
N PRO B 18 0.09 -3.48 -10.98
CA PRO B 18 1.25 -3.75 -11.85
C PRO B 18 1.88 -5.12 -11.56
N THR B 19 2.19 -5.83 -12.64
CA THR B 19 2.78 -7.18 -12.70
C THR B 19 1.84 -8.30 -12.26
N LYS B 20 0.56 -8.02 -12.03
CA LYS B 20 -0.34 -9.09 -11.60
C LYS B 20 -0.39 -10.23 -12.62
N ASP B 21 -0.26 -9.92 -13.91
CA ASP B 21 -0.26 -10.96 -14.93
C ASP B 21 0.91 -11.90 -14.74
N ARG B 22 2.10 -11.35 -14.48
CA ARG B 22 3.26 -12.17 -14.22
C ARG B 22 3.05 -13.01 -12.96
N ALA B 23 2.53 -12.41 -11.89
CA ALA B 23 2.26 -13.22 -10.70
C ALA B 23 1.25 -14.33 -11.01
N ASN B 24 0.18 -13.99 -11.75
CA ASN B 24 -0.83 -14.98 -12.11
C ASN B 24 -0.20 -16.17 -12.81
N ASP B 25 0.66 -15.90 -13.80
CA ASP B 25 1.26 -16.98 -14.58
C ASP B 25 2.21 -17.80 -13.73
N ASP B 26 2.96 -17.17 -12.82
CA ASP B 26 3.95 -17.90 -12.03
C ASP B 26 3.27 -18.81 -11.02
N LEU B 27 2.18 -18.34 -10.39
CA LEU B 27 1.44 -19.20 -9.48
C LEU B 27 0.94 -20.46 -10.20
N LEU B 28 0.51 -20.30 -11.46
CA LEU B 28 -0.08 -21.44 -12.16
C LEU B 28 1.00 -22.41 -12.62
N SER B 29 2.17 -21.89 -13.01
CA SER B 29 3.21 -22.79 -13.46
C SER B 29 3.98 -23.38 -12.29
N GLU B 30 4.09 -22.67 -11.17
CA GLU B 30 4.82 -23.22 -10.03
C GLU B 30 4.00 -24.29 -9.29
N PHE B 31 2.69 -24.11 -9.20
CA PHE B 31 1.85 -25.01 -8.41
C PHE B 31 0.62 -25.43 -9.24
N PRO B 32 0.82 -26.21 -10.29
CA PRO B 32 -0.29 -26.51 -11.20
C PRO B 32 -1.39 -27.37 -10.61
N ASP B 33 -1.13 -28.10 -9.53
CA ASP B 33 -2.19 -28.88 -8.91
C ASP B 33 -2.90 -28.14 -7.79
N LYS B 34 -2.44 -26.94 -7.41
CA LYS B 34 -3.13 -26.18 -6.38
C LYS B 34 -3.84 -24.93 -6.90
N PHE B 35 -3.47 -24.44 -8.08
CA PHE B 35 -4.05 -23.24 -8.69
C PHE B 35 -4.51 -23.62 -10.08
N GLY B 36 -5.70 -23.15 -10.45
CA GLY B 36 -6.19 -23.34 -11.79
C GLY B 36 -6.79 -22.07 -12.34
N SER B 37 -6.98 -22.07 -13.65
CA SER B 37 -7.67 -21.02 -14.34
C SER B 37 -9.01 -21.56 -14.84
N CYS B 38 -9.94 -20.66 -15.10
CA CYS B 38 -11.19 -21.05 -15.71
C CYS B 38 -11.26 -20.40 -17.09
N VAL B 39 -12.16 -20.89 -17.92
CA VAL B 39 -12.19 -20.49 -19.32
C VAL B 39 -13.40 -19.58 -19.55
N PRO B 40 -13.27 -18.53 -20.36
CA PRO B 40 -14.38 -17.60 -20.57
C PRO B 40 -15.42 -18.15 -21.54
N HIS B 41 -16.58 -17.50 -21.53
CA HIS B 41 -17.59 -17.69 -22.56
C HIS B 41 -17.52 -16.53 -23.53
N THR B 42 -17.87 -16.80 -24.80
CA THR B 42 -18.09 -15.75 -25.78
C THR B 42 -19.18 -16.21 -26.74
N THR B 43 -19.90 -15.24 -27.30
CA THR B 43 -20.93 -15.50 -28.30
C THR B 43 -20.43 -15.35 -29.73
N ARG B 44 -19.14 -15.07 -29.92
CA ARG B 44 -18.60 -14.92 -31.25
C ARG B 44 -18.26 -16.30 -31.82
N PRO B 45 -18.17 -16.42 -33.14
CA PRO B 45 -17.94 -17.74 -33.74
C PRO B 45 -16.56 -18.29 -33.40
N LYS B 46 -16.51 -19.60 -33.15
CA LYS B 46 -15.25 -20.29 -32.93
C LYS B 46 -14.38 -20.23 -34.19
N ARG B 47 -13.22 -19.61 -34.07
CA ARG B 47 -12.29 -19.56 -35.18
C ARG B 47 -11.63 -20.92 -35.38
N GLU B 48 -10.99 -21.10 -36.54
CA GLU B 48 -10.19 -22.28 -36.76
C GLU B 48 -9.02 -22.29 -35.77
N TYR B 49 -8.49 -23.48 -35.51
CA TYR B 49 -7.37 -23.74 -34.60
C TYR B 49 -7.70 -23.43 -33.14
N GLU B 50 -8.89 -22.94 -32.81
CA GLU B 50 -9.31 -22.85 -31.42
C GLU B 50 -10.41 -23.87 -31.18
N ILE B 51 -10.55 -24.32 -29.94
CA ILE B 51 -11.42 -25.45 -29.62
C ILE B 51 -12.25 -25.12 -28.39
N ASP B 52 -13.54 -25.47 -28.46
CA ASP B 52 -14.46 -25.25 -27.34
C ASP B 52 -13.93 -25.91 -26.09
N GLY B 53 -14.12 -25.24 -24.95
CA GLY B 53 -13.61 -25.71 -23.68
C GLY B 53 -12.18 -25.33 -23.37
N ARG B 54 -11.44 -24.79 -24.34
CA ARG B 54 -10.03 -24.46 -24.15
C ARG B 54 -9.79 -22.95 -24.17
N ASP B 55 -10.00 -22.30 -25.32
CA ASP B 55 -9.82 -20.84 -25.37
C ASP B 55 -11.09 -20.11 -24.96
N TYR B 56 -12.25 -20.67 -25.25
CA TYR B 56 -13.53 -20.11 -24.84
C TYR B 56 -14.52 -21.24 -24.71
N HIS B 57 -15.55 -21.03 -23.91
CA HIS B 57 -16.79 -21.77 -24.07
C HIS B 57 -17.63 -20.99 -25.07
N PHE B 58 -17.54 -21.37 -26.34
CA PHE B 58 -18.27 -20.68 -27.39
C PHE B 58 -19.76 -20.97 -27.26
N VAL B 59 -20.53 -19.95 -26.87
CA VAL B 59 -21.98 -20.08 -26.85
C VAL B 59 -22.51 -19.84 -28.25
N SER B 60 -23.57 -20.58 -28.62
CA SER B 60 -24.16 -20.47 -29.94
C SER B 60 -25.26 -19.42 -29.99
N SER B 61 -26.08 -19.33 -28.94
CA SER B 61 -27.20 -18.39 -28.90
C SER B 61 -26.77 -17.15 -28.12
N ARG B 62 -26.68 -16.02 -28.81
CA ARG B 62 -26.45 -14.75 -28.13
C ARG B 62 -27.59 -14.44 -27.17
N GLU B 63 -28.79 -14.97 -27.44
CA GLU B 63 -29.90 -14.76 -26.52
C GLU B 63 -29.81 -15.65 -25.29
N LYS B 64 -29.09 -16.78 -25.38
CA LYS B 64 -28.90 -17.63 -24.21
C LYS B 64 -27.93 -16.99 -23.23
N MET B 65 -26.78 -16.54 -23.72
CA MET B 65 -25.82 -15.89 -22.84
C MET B 65 -26.36 -14.57 -22.31
N GLU B 66 -27.09 -13.82 -23.15
CA GLU B 66 -27.69 -12.58 -22.68
C GLU B 66 -28.63 -12.85 -21.52
N LYS B 67 -29.39 -13.94 -21.59
CA LYS B 67 -30.30 -14.26 -20.48
C LYS B 67 -29.52 -14.62 -19.23
N ASP B 68 -28.44 -15.41 -19.37
CA ASP B 68 -27.62 -15.76 -18.21
C ASP B 68 -26.99 -14.52 -17.58
N ILE B 69 -26.57 -13.56 -18.41
CA ILE B 69 -26.03 -12.32 -17.86
C ILE B 69 -27.08 -11.64 -17.00
N GLN B 70 -28.29 -11.48 -17.53
CA GLN B 70 -29.37 -10.85 -16.76
C GLN B 70 -29.75 -11.71 -15.55
N ALA B 71 -29.58 -13.02 -15.65
CA ALA B 71 -29.82 -13.89 -14.49
C ALA B 71 -28.66 -13.89 -13.51
N HIS B 72 -27.68 -12.99 -13.70
CA HIS B 72 -26.55 -12.81 -12.79
C HIS B 72 -25.61 -14.01 -12.78
N LYS B 73 -25.45 -14.66 -13.93
CA LYS B 73 -24.64 -15.87 -13.99
C LYS B 73 -23.17 -15.58 -14.29
N PHE B 74 -22.79 -14.32 -14.45
CA PHE B 74 -21.41 -13.96 -14.80
C PHE B 74 -20.85 -12.98 -13.78
N ILE B 75 -19.63 -13.24 -13.32
CA ILE B 75 -19.00 -12.28 -12.41
C ILE B 75 -18.57 -11.05 -13.16
N GLU B 76 -18.37 -11.19 -14.47
CA GLU B 76 -18.22 -10.03 -15.34
C GLU B 76 -18.58 -10.46 -16.75
N ALA B 77 -19.00 -9.46 -17.54
CA ALA B 77 -19.54 -9.70 -18.87
C ALA B 77 -19.59 -8.37 -19.59
N GLY B 78 -19.38 -8.41 -20.90
CA GLY B 78 -19.39 -7.21 -21.71
C GLY B 78 -19.56 -7.55 -23.18
N GLN B 79 -19.42 -6.53 -24.02
CA GLN B 79 -19.61 -6.72 -25.44
C GLN B 79 -18.55 -5.98 -26.20
N TYR B 80 -17.96 -6.64 -27.18
CA TYR B 80 -17.02 -6.02 -28.07
C TYR B 80 -17.26 -6.54 -29.47
N ASN B 81 -17.23 -5.64 -30.44
CA ASN B 81 -17.44 -5.97 -31.86
C ASN B 81 -18.67 -6.86 -32.05
N SER B 82 -19.76 -6.48 -31.39
CA SER B 82 -21.10 -7.06 -31.52
C SER B 82 -21.27 -8.40 -30.82
N HIS B 83 -20.28 -8.87 -30.05
CA HIS B 83 -20.36 -10.17 -29.41
C HIS B 83 -20.13 -10.04 -27.91
N LEU B 84 -20.74 -10.95 -27.15
CA LEU B 84 -20.67 -10.92 -25.70
C LEU B 84 -19.53 -11.79 -25.19
N TYR B 85 -18.84 -11.31 -24.15
CA TYR B 85 -17.79 -12.06 -23.46
C TYR B 85 -18.06 -12.04 -21.96
N GLY B 86 -17.66 -13.09 -21.27
CA GLY B 86 -17.83 -13.11 -19.83
C GLY B 86 -17.08 -14.25 -19.18
N THR B 87 -16.95 -14.13 -17.85
CA THR B 87 -16.48 -15.21 -16.99
C THR B 87 -17.64 -15.55 -16.05
N SER B 88 -18.06 -16.81 -16.08
CA SER B 88 -19.26 -17.24 -15.37
C SER B 88 -18.97 -17.62 -13.92
N VAL B 89 -19.98 -17.46 -13.08
CA VAL B 89 -19.90 -17.94 -11.71
C VAL B 89 -19.57 -19.43 -11.67
N GLN B 90 -20.21 -20.21 -12.55
CA GLN B 90 -20.06 -21.66 -12.50
C GLN B 90 -18.63 -22.10 -12.82
N SER B 91 -17.99 -21.44 -13.80
CA SER B 91 -16.61 -21.78 -14.12
C SER B 91 -15.72 -21.62 -12.90
N VAL B 92 -15.89 -20.51 -12.17
CA VAL B 92 -15.15 -20.29 -10.93
C VAL B 92 -15.46 -21.40 -9.93
N ARG B 93 -16.75 -21.65 -9.70
CA ARG B 93 -17.17 -22.68 -8.76
C ARG B 93 -16.55 -24.04 -9.10
N GLU B 94 -16.41 -24.35 -10.39
CA GLU B 94 -15.93 -25.67 -10.79
C GLU B 94 -14.47 -25.88 -10.41
N VAL B 95 -13.65 -24.83 -10.53
CA VAL B 95 -12.28 -24.92 -10.05
C VAL B 95 -12.26 -25.09 -8.53
N ALA B 96 -13.04 -24.27 -7.84
CA ALA B 96 -13.10 -24.32 -6.39
C ALA B 96 -13.55 -25.69 -5.89
N GLU B 97 -14.50 -26.31 -6.60
CA GLU B 97 -14.99 -27.62 -6.20
C GLU B 97 -13.87 -28.64 -6.15
N GLN B 98 -12.91 -28.54 -7.08
CA GLN B 98 -11.79 -29.45 -7.11
C GLN B 98 -10.77 -29.18 -6.01
N GLY B 99 -11.05 -28.24 -5.11
CA GLY B 99 -10.07 -27.91 -4.09
C GLY B 99 -8.91 -27.09 -4.59
N LYS B 100 -9.07 -26.37 -5.71
CA LYS B 100 -8.02 -25.56 -6.29
C LYS B 100 -8.38 -24.08 -6.20
N HIS B 101 -7.35 -23.24 -6.02
CA HIS B 101 -7.53 -21.79 -6.09
C HIS B 101 -7.72 -21.37 -7.54
N CYS B 102 -8.86 -20.76 -7.85
CA CYS B 102 -9.09 -20.23 -9.18
C CYS B 102 -8.35 -18.90 -9.35
N ILE B 103 -7.38 -18.85 -10.24
CA ILE B 103 -6.64 -17.63 -10.55
C ILE B 103 -7.47 -16.82 -11.54
N LEU B 104 -7.99 -15.68 -11.10
CA LEU B 104 -8.93 -14.91 -11.90
C LEU B 104 -8.23 -13.72 -12.52
N ASP B 105 -8.42 -13.55 -13.82
CA ASP B 105 -7.97 -12.38 -14.55
C ASP B 105 -9.24 -11.60 -14.87
N VAL B 106 -9.73 -10.86 -13.87
CA VAL B 106 -10.97 -10.11 -14.01
C VAL B 106 -10.73 -8.72 -13.46
N SER B 107 -11.68 -7.84 -13.71
CA SER B 107 -11.56 -6.45 -13.33
C SER B 107 -12.04 -6.22 -11.89
N ALA B 108 -11.78 -5.00 -11.40
CA ALA B 108 -12.06 -4.68 -10.01
C ALA B 108 -13.54 -4.89 -9.64
N ASN B 109 -14.48 -4.51 -10.53
CA ASN B 109 -15.89 -4.69 -10.20
C ASN B 109 -16.22 -6.14 -9.89
N ALA B 110 -15.51 -7.07 -10.54
CA ALA B 110 -15.80 -8.49 -10.32
C ALA B 110 -15.45 -8.92 -8.89
N VAL B 111 -14.53 -8.21 -8.23
CA VAL B 111 -14.20 -8.54 -6.85
C VAL B 111 -15.43 -8.43 -5.96
N ARG B 112 -16.11 -7.29 -6.05
CA ARG B 112 -17.32 -7.08 -5.26
C ARG B 112 -18.39 -8.09 -5.60
N ARG B 113 -18.56 -8.41 -6.89
CA ARG B 113 -19.54 -9.44 -7.27
C ARG B 113 -19.23 -10.75 -6.58
N LEU B 114 -17.97 -11.21 -6.69
CA LEU B 114 -17.58 -12.43 -6.01
C LEU B 114 -17.80 -12.33 -4.50
N GLN B 115 -17.52 -11.18 -3.91
CA GLN B 115 -17.76 -11.02 -2.47
C GLN B 115 -19.25 -11.09 -2.16
N ALA B 116 -20.07 -10.28 -2.85
CA ALA B 116 -21.51 -10.29 -2.59
C ALA B 116 -22.16 -11.61 -2.97
N ALA B 117 -21.54 -12.39 -3.85
CA ALA B 117 -21.99 -13.75 -4.16
C ALA B 117 -21.49 -14.78 -3.17
N HIS B 118 -20.77 -14.37 -2.12
CA HIS B 118 -20.29 -15.28 -1.07
C HIS B 118 -19.35 -16.34 -1.63
N LEU B 119 -18.41 -15.92 -2.48
CA LEU B 119 -17.36 -16.84 -2.92
C LEU B 119 -16.04 -16.60 -2.20
N HIS B 120 -16.03 -15.74 -1.17
CA HIS B 120 -14.88 -15.45 -0.32
CA HIS B 120 -14.88 -15.48 -0.31
C HIS B 120 -13.56 -15.38 -1.10
N PRO B 121 -13.44 -14.44 -2.04
CA PRO B 121 -12.19 -14.33 -2.79
C PRO B 121 -11.06 -13.80 -1.92
N ILE B 122 -9.85 -14.24 -2.24
CA ILE B 122 -8.63 -13.59 -1.78
C ILE B 122 -8.27 -12.54 -2.82
N ALA B 123 -8.42 -11.27 -2.45
CA ALA B 123 -8.20 -10.17 -3.38
C ALA B 123 -6.96 -9.41 -2.92
N ILE B 124 -5.95 -9.33 -3.79
CA ILE B 124 -4.66 -8.73 -3.47
C ILE B 124 -4.41 -7.57 -4.43
N PHE B 125 -4.04 -6.43 -3.87
CA PHE B 125 -3.71 -5.21 -4.61
C PHE B 125 -2.21 -5.00 -4.50
N ILE B 126 -1.49 -5.23 -5.59
CA ILE B 126 -0.07 -4.89 -5.69
C ILE B 126 -0.02 -3.38 -5.94
N ARG B 127 0.36 -2.62 -4.93
CA ARG B 127 0.09 -1.19 -4.92
C ARG B 127 1.38 -0.39 -5.00
N PRO B 128 1.68 0.26 -6.13
CA PRO B 128 2.91 1.05 -6.22
C PRO B 128 2.82 2.33 -5.42
N ARG B 129 3.92 2.67 -4.76
CA ARG B 129 3.97 3.92 -3.99
CA ARG B 129 3.97 3.92 -3.99
C ARG B 129 4.00 5.14 -4.89
N SER B 130 4.47 4.99 -6.13
CA SER B 130 4.72 6.10 -7.03
C SER B 130 5.07 5.56 -8.41
N LEU B 131 5.15 6.48 -9.38
CA LEU B 131 5.62 6.15 -10.71
C LEU B 131 6.97 5.46 -10.66
N GLU B 132 7.92 6.01 -9.90
CA GLU B 132 9.24 5.40 -9.79
C GLU B 132 9.14 3.96 -9.30
N ASN B 133 8.24 3.72 -8.34
CA ASN B 133 8.10 2.39 -7.75
C ASN B 133 7.54 1.39 -8.78
N VAL B 134 6.63 1.84 -9.65
CA VAL B 134 6.18 0.97 -10.76
C VAL B 134 7.36 0.46 -11.56
N LEU B 135 8.32 1.34 -11.85
CA LEU B 135 9.46 0.92 -12.68
C LEU B 135 10.41 -0.02 -11.93
N GLU B 136 10.49 0.10 -10.59
CA GLU B 136 11.28 -0.87 -9.81
C GLU B 136 10.60 -2.23 -9.82
N ILE B 137 9.27 -2.26 -9.72
CA ILE B 137 8.52 -3.51 -9.64
C ILE B 137 8.42 -4.19 -11.00
N ASN B 138 8.15 -3.41 -12.06
CA ASN B 138 8.03 -3.95 -13.41
C ASN B 138 9.19 -3.41 -14.26
N LYS B 139 10.23 -4.21 -14.41
CA LYS B 139 11.41 -3.81 -15.14
C LYS B 139 11.25 -4.00 -16.64
N ARG B 140 10.05 -4.29 -17.14
CA ARG B 140 9.89 -4.68 -18.53
C ARG B 140 8.98 -3.74 -19.31
N ILE B 141 8.80 -2.51 -18.83
CA ILE B 141 7.91 -1.58 -19.51
C ILE B 141 8.59 -0.22 -19.57
N THR B 142 8.15 0.58 -20.53
CA THR B 142 8.66 1.93 -20.61
C THR B 142 8.03 2.78 -19.52
N GLU B 143 8.67 3.93 -19.28
CA GLU B 143 8.11 4.90 -18.36
C GLU B 143 6.70 5.29 -18.76
N GLU B 144 6.43 5.44 -20.05
CA GLU B 144 5.11 5.85 -20.50
C GLU B 144 4.06 4.78 -20.20
N GLN B 145 4.40 3.51 -20.39
CA GLN B 145 3.49 2.45 -19.95
C GLN B 145 3.34 2.45 -18.43
N ALA B 146 4.44 2.68 -17.69
CA ALA B 146 4.38 2.70 -16.23
C ALA B 146 3.49 3.83 -15.75
N ARG B 147 3.48 4.94 -16.47
CA ARG B 147 2.60 6.04 -16.14
C ARG B 147 1.15 5.62 -16.25
N LYS B 148 0.80 4.88 -17.31
CA LYS B 148 -0.57 4.40 -17.44
C LYS B 148 -0.88 3.36 -16.37
N ALA B 149 0.10 2.53 -16.01
CA ALA B 149 -0.12 1.55 -14.95
C ALA B 149 -0.29 2.25 -13.60
N PHE B 150 0.44 3.36 -13.38
CA PHE B 150 0.31 4.05 -12.11
C PHE B 150 -1.05 4.74 -12.00
N ASP B 151 -1.54 5.29 -13.13
CA ASP B 151 -2.86 5.90 -13.15
C ASP B 151 -3.95 4.86 -12.89
N ARG B 152 -3.77 3.64 -13.40
CA ARG B 152 -4.74 2.59 -13.13
C ARG B 152 -4.71 2.22 -11.65
N ALA B 153 -3.51 2.09 -11.07
CA ALA B 153 -3.41 1.78 -9.64
C ALA B 153 -4.05 2.88 -8.80
N THR B 154 -3.89 4.13 -9.22
CA THR B 154 -4.48 5.26 -8.51
C THR B 154 -6.00 5.16 -8.46
N LYS B 155 -6.64 4.82 -9.58
CA LYS B 155 -8.08 4.63 -9.56
C LYS B 155 -8.46 3.49 -8.61
N LEU B 156 -7.71 2.39 -8.65
CA LEU B 156 -7.93 1.28 -7.72
C LEU B 156 -7.87 1.75 -6.28
N GLU B 157 -6.84 2.53 -5.96
CA GLU B 157 -6.67 3.00 -4.59
C GLU B 157 -7.77 3.98 -4.20
N GLN B 158 -8.21 4.81 -5.14
CA GLN B 158 -9.26 5.78 -4.82
C GLN B 158 -10.61 5.10 -4.62
N GLU B 159 -10.90 4.05 -5.40
CA GLU B 159 -12.24 3.55 -5.55
C GLU B 159 -12.46 2.15 -4.99
N PHE B 160 -11.45 1.29 -4.97
CA PHE B 160 -11.67 -0.12 -4.62
C PHE B 160 -10.84 -0.58 -3.43
N THR B 161 -10.08 0.31 -2.78
CA THR B 161 -9.02 -0.18 -1.92
C THR B 161 -9.58 -0.93 -0.71
N GLU B 162 -10.77 -0.59 -0.25
CA GLU B 162 -11.31 -1.26 0.92
C GLU B 162 -11.86 -2.66 0.60
N CYS B 163 -11.94 -3.05 -0.67
CA CYS B 163 -12.41 -4.39 -1.00
CA CYS B 163 -12.40 -4.39 -1.03
C CYS B 163 -11.29 -5.44 -1.02
N PHE B 164 -10.03 -5.03 -0.86
CA PHE B 164 -8.93 -5.97 -0.98
C PHE B 164 -8.65 -6.71 0.33
N SER B 165 -8.29 -8.00 0.19
CA SER B 165 -7.89 -8.80 1.35
C SER B 165 -6.53 -8.35 1.89
N ALA B 166 -5.64 -7.92 1.01
CA ALA B 166 -4.29 -7.55 1.37
C ALA B 166 -3.76 -6.52 0.40
N ILE B 167 -2.99 -5.56 0.92
CA ILE B 167 -2.16 -4.67 0.12
C ILE B 167 -0.74 -5.21 0.18
N VAL B 168 -0.17 -5.50 -0.99
CA VAL B 168 1.21 -5.95 -1.11
C VAL B 168 2.04 -4.82 -1.72
N GLU B 169 3.19 -4.54 -1.12
CA GLU B 169 4.06 -3.45 -1.56
C GLU B 169 5.48 -3.96 -1.60
N GLY B 170 6.30 -3.37 -2.47
CA GLY B 170 7.67 -3.85 -2.61
C GLY B 170 8.45 -3.01 -3.59
N ASP B 171 9.72 -3.40 -3.75
CA ASP B 171 10.71 -2.69 -4.54
C ASP B 171 11.25 -3.53 -5.69
N SER B 172 10.73 -4.74 -5.86
CA SER B 172 11.11 -5.61 -6.95
C SER B 172 9.96 -6.58 -7.18
N PHE B 173 9.96 -7.23 -8.35
CA PHE B 173 8.94 -8.25 -8.55
C PHE B 173 9.16 -9.43 -7.61
N GLU B 174 10.43 -9.78 -7.37
CA GLU B 174 10.75 -10.92 -6.51
C GLU B 174 10.20 -10.71 -5.12
N GLU B 175 10.33 -9.49 -4.59
CA GLU B 175 9.74 -9.19 -3.29
C GLU B 175 8.22 -9.27 -3.34
N ILE B 176 7.61 -8.66 -4.39
CA ILE B 176 6.16 -8.68 -4.56
C ILE B 176 5.65 -10.11 -4.63
N TYR B 177 6.26 -10.93 -5.50
CA TYR B 177 5.75 -12.27 -5.76
C TYR B 177 5.85 -13.14 -4.52
N HIS B 178 7.00 -13.09 -3.83
CA HIS B 178 7.13 -13.80 -2.56
C HIS B 178 6.04 -13.38 -1.57
N LYS B 179 5.74 -12.09 -1.49
CA LYS B 179 4.69 -11.62 -0.60
C LYS B 179 3.31 -12.11 -1.04
N VAL B 180 3.04 -12.13 -2.35
CA VAL B 180 1.75 -12.63 -2.81
C VAL B 180 1.56 -14.08 -2.36
N LYS B 181 2.63 -14.89 -2.48
CA LYS B 181 2.54 -16.29 -2.11
C LYS B 181 2.34 -16.47 -0.60
N ARG B 182 2.83 -15.54 0.21
CA ARG B 182 2.61 -15.65 1.64
C ARG B 182 1.22 -15.20 2.04
N VAL B 183 0.65 -14.20 1.35
CA VAL B 183 -0.75 -13.84 1.61
C VAL B 183 -1.65 -15.04 1.32
N ILE B 184 -1.41 -15.71 0.18
CA ILE B 184 -2.28 -16.80 -0.21
C ILE B 184 -2.18 -17.94 0.79
N GLU B 185 -0.95 -18.34 1.15
CA GLU B 185 -0.78 -19.45 2.08
C GLU B 185 -1.27 -19.10 3.49
N ASP B 186 -0.98 -17.88 3.98
CA ASP B 186 -1.52 -17.49 5.29
C ASP B 186 -3.04 -17.50 5.31
N LEU B 187 -3.69 -17.00 4.26
CA LEU B 187 -5.16 -16.87 4.29
C LEU B 187 -5.87 -18.15 3.86
N SER B 188 -5.15 -19.14 3.32
CA SER B 188 -5.80 -20.37 2.90
C SER B 188 -5.72 -21.45 3.98
N GLY B 189 -4.59 -21.54 4.66
CA GLY B 189 -4.42 -22.47 5.76
C GLY B 189 -5.39 -22.27 6.90
N ALA C 2 8.95 0.94 6.50
CA ALA C 2 7.82 0.96 7.41
C ALA C 2 6.89 2.14 7.09
N ARG C 3 7.06 2.71 5.90
CA ARG C 3 6.13 3.71 5.39
C ARG C 3 4.67 3.22 5.41
N ARG C 4 3.75 4.11 5.79
CA ARG C 4 2.31 3.85 5.66
C ARG C 4 1.73 4.93 4.76
N GLU C 5 1.49 4.58 3.49
CA GLU C 5 1.09 5.58 2.49
C GLU C 5 -0.26 6.23 2.81
N TYR C 7 -1.48 6.77 5.79
CA TYR C 7 -1.26 7.68 6.91
C TYR C 7 -0.58 8.95 6.41
N LEU C 8 0.42 8.79 5.54
CA LEU C 8 1.16 9.96 5.08
C LEU C 8 0.26 10.86 4.25
N LYS C 9 -0.63 10.28 3.44
CA LYS C 9 -1.53 11.12 2.67
C LYS C 9 -2.49 11.86 3.59
N ALA C 10 -2.92 11.22 4.67
CA ALA C 10 -3.87 11.89 5.55
C ALA C 10 -3.21 13.04 6.30
N THR C 11 -1.94 12.88 6.68
CA THR C 11 -1.30 13.83 7.58
C THR C 11 -0.41 14.80 6.85
N GLN C 12 -0.25 14.65 5.54
CA GLN C 12 0.51 15.59 4.73
C GLN C 12 -0.35 16.08 3.57
N PRO C 13 -1.50 16.71 3.87
CA PRO C 13 -2.39 17.16 2.80
C PRO C 13 -1.76 18.29 2.00
N SER C 14 -2.11 18.34 0.72
CA SER C 14 -1.69 19.44 -0.15
C SER C 14 -2.34 20.74 0.31
N LEU C 15 -1.53 21.76 0.48
CA LEU C 15 -1.98 23.06 0.94
C LEU C 15 -2.01 24.10 -0.19
N ALA D 2 -2.84 -14.68 -19.73
CA ALA D 2 -3.77 -13.56 -19.58
C ALA D 2 -4.89 -13.65 -20.61
N ARG D 3 -5.92 -12.82 -20.43
CA ARG D 3 -7.06 -12.83 -21.33
C ARG D 3 -6.71 -12.13 -22.64
N ARG D 4 -7.42 -12.49 -23.70
CA ARG D 4 -7.20 -11.88 -25.00
C ARG D 4 -7.74 -10.44 -25.01
N GLU D 5 -7.22 -9.63 -25.93
CA GLU D 5 -7.49 -8.21 -25.95
C GLU D 5 -8.96 -7.94 -26.17
N TYR D 7 -11.37 -9.73 -25.26
CA TYR D 7 -12.04 -9.99 -24.00
C TYR D 7 -11.88 -8.79 -23.08
N LEU D 8 -10.64 -8.32 -22.95
CA LEU D 8 -10.40 -7.14 -22.12
C LEU D 8 -11.13 -5.92 -22.64
N LYS D 9 -11.33 -5.81 -23.95
CA LYS D 9 -12.09 -4.67 -24.47
C LYS D 9 -13.56 -4.77 -24.07
N ALA D 10 -14.15 -5.98 -24.17
CA ALA D 10 -15.54 -6.16 -23.76
C ALA D 10 -15.75 -5.87 -22.27
N THR D 11 -14.81 -6.29 -21.41
CA THR D 11 -15.00 -6.22 -19.96
C THR D 11 -14.35 -5.01 -19.31
N GLN D 12 -13.45 -4.31 -19.99
CA GLN D 12 -12.92 -3.03 -19.52
C GLN D 12 -13.26 -1.94 -20.53
N PRO D 13 -14.55 -1.64 -20.71
CA PRO D 13 -14.92 -0.57 -21.64
C PRO D 13 -14.35 0.76 -21.17
N SER D 14 -14.09 1.65 -22.13
CA SER D 14 -13.64 2.99 -21.78
C SER D 14 -14.79 3.78 -21.16
N LEU D 15 -14.54 4.36 -19.99
CA LEU D 15 -15.56 5.13 -19.30
C LEU D 15 -15.26 6.61 -19.42
#